data_7ERV
#
_entry.id   7ERV
#
_cell.length_a   114.166
_cell.length_b   114.166
_cell.length_c   151.191
_cell.angle_alpha   90.000
_cell.angle_beta   90.000
_cell.angle_gamma   120.000
#
_symmetry.space_group_name_H-M   'P 61 2 2'
#
loop_
_entity.id
_entity.type
_entity.pdbx_description
1 polymer 'Histidine decarboxylase'
2 non-polymer IMIDAZOLE
3 water water
#
_entity_poly.entity_id   1
_entity_poly.type   'polypeptide(L)'
_entity_poly.pdbx_seq_one_letter_code
;MTLSIENQNKLDEFWAYCVKNQYFNIGYPESADFDYTILERFMRFSINNCGDWAEYSNYLLNSFDFEKEVMEYFADLFKI
PFEDSWGYVTNGGTESNMFGVYLGRELFPDGTLYYSKDTHYSVAKIVKLLRIKSQLVDSLPNGEIDYDDLISKIKQDDEK
HPIIFANIGTTVRGAIDDISKIQAMIGELGIKREDYYIHADAALSGMILPFVDEPQGFNFADGIDSIGVSGH(LLP)MIG
SPIPCGIVVAKKRNVDAISVEIDYISAHDKTITGSRNGHTPLMMWVAVKSHSHADFKRRINRSLDLAQHAVQRLQTAGIN
AWCNKNSITVVFPCPSEAVWKKHCLATSGGQAHLITTAHHLDASKVDALIDDVIKDAN
;
_entity_poly.pdbx_strand_id   A
#
loop_
_chem_comp.id
_chem_comp.type
_chem_comp.name
_chem_comp.formula
IMD non-polymer IMIDAZOLE 'C3 H5 N2 1'
#
# COMPACT_ATOMS: atom_id res chain seq x y z
N MET A 1 -19.50 26.38 -26.85
CA MET A 1 -18.12 26.17 -27.35
C MET A 1 -17.87 24.67 -27.51
N THR A 2 -16.79 24.31 -28.21
CA THR A 2 -16.22 22.94 -28.36
C THR A 2 -14.71 23.08 -28.11
N LEU A 3 -13.94 21.99 -27.97
CA LEU A 3 -12.46 22.15 -27.84
C LEU A 3 -11.88 22.83 -29.09
N SER A 4 -11.14 23.92 -28.91
CA SER A 4 -10.33 24.54 -29.98
C SER A 4 -9.38 23.50 -30.63
N ILE A 5 -8.70 23.87 -31.73
CA ILE A 5 -7.69 23.04 -32.47
C ILE A 5 -6.47 22.90 -31.57
N GLU A 6 -5.99 24.00 -31.02
CA GLU A 6 -4.81 24.03 -30.11
C GLU A 6 -5.03 23.04 -28.98
N ASN A 7 -6.26 22.92 -28.45
CA ASN A 7 -6.53 22.14 -27.21
C ASN A 7 -6.83 20.69 -27.58
N GLN A 8 -7.45 20.42 -28.71
CA GLN A 8 -7.57 19.02 -29.22
C GLN A 8 -6.14 18.51 -29.50
N ASN A 9 -5.26 19.34 -30.07
CA ASN A 9 -3.85 18.95 -30.30
C ASN A 9 -3.22 18.48 -28.98
N LYS A 10 -3.40 19.26 -27.91
CA LYS A 10 -2.74 19.01 -26.60
C LYS A 10 -3.16 17.62 -26.09
N LEU A 11 -4.45 17.34 -26.16
CA LEU A 11 -5.00 16.06 -25.71
C LEU A 11 -4.43 14.92 -26.58
N ASP A 12 -4.36 15.13 -27.89
CA ASP A 12 -3.98 14.10 -28.88
C ASP A 12 -2.48 13.80 -28.74
N GLU A 13 -1.67 14.81 -28.49
CA GLU A 13 -0.22 14.67 -28.19
C GLU A 13 -0.02 13.83 -26.94
N PHE A 14 -0.87 14.04 -25.96
CA PHE A 14 -0.80 13.40 -24.63
C PHE A 14 -1.18 11.94 -24.82
N TRP A 15 -2.17 11.69 -25.68
CA TRP A 15 -2.50 10.29 -26.06
C TRP A 15 -1.24 9.56 -26.55
N ALA A 16 -0.51 10.16 -27.50
CA ALA A 16 0.72 9.58 -28.11
C ALA A 16 1.77 9.39 -27.01
N TYR A 17 1.90 10.36 -26.10
CA TYR A 17 2.86 10.32 -24.96
C TYR A 17 2.49 9.15 -24.04
N CYS A 18 1.20 8.96 -23.77
CA CYS A 18 0.73 7.87 -22.89
C CYS A 18 1.00 6.54 -23.59
N VAL A 19 0.64 6.44 -24.88
CA VAL A 19 0.84 5.18 -25.68
C VAL A 19 2.34 4.85 -25.68
N LYS A 20 3.18 5.86 -25.86
CA LYS A 20 4.65 5.72 -25.84
C LYS A 20 5.10 5.18 -24.47
N ASN A 21 4.59 5.77 -23.39
CA ASN A 21 5.11 5.55 -22.02
C ASN A 21 4.20 4.61 -21.22
N GLN A 22 3.25 3.93 -21.85
CA GLN A 22 2.27 3.11 -21.12
C GLN A 22 2.95 2.16 -20.14
N TYR A 23 4.09 1.59 -20.53
CA TYR A 23 4.80 0.50 -19.81
C TYR A 23 6.20 0.96 -19.39
N PHE A 24 6.44 2.26 -19.21
CA PHE A 24 7.76 2.86 -18.88
C PHE A 24 8.23 2.33 -17.52
N ASN A 25 7.27 2.06 -16.64
CA ASN A 25 7.53 1.87 -15.19
C ASN A 25 8.38 0.61 -14.92
N ILE A 26 9.60 0.85 -14.43
CA ILE A 26 10.59 -0.15 -13.92
C ILE A 26 10.92 0.12 -12.43
N GLY A 27 10.63 1.33 -11.92
CA GLY A 27 11.17 1.88 -10.66
C GLY A 27 10.15 2.02 -9.55
N TYR A 28 8.86 1.90 -9.88
CA TYR A 28 7.74 2.16 -8.95
C TYR A 28 6.87 0.92 -8.85
N PRO A 29 6.00 0.84 -7.82
CA PRO A 29 5.18 -0.35 -7.65
C PRO A 29 3.90 -0.42 -8.49
N GLU A 30 3.56 0.56 -9.33
CA GLU A 30 2.25 0.48 -10.04
C GLU A 30 2.36 -0.45 -11.26
N SER A 31 1.67 -1.58 -11.17
CA SER A 31 1.48 -2.56 -12.26
C SER A 31 0.48 -2.05 -13.30
N ALA A 32 0.83 -2.13 -14.58
CA ALA A 32 0.09 -1.47 -15.69
C ALA A 32 -0.58 -2.52 -16.58
N ASP A 33 -0.55 -3.82 -16.22
CA ASP A 33 -1.22 -4.92 -16.97
C ASP A 33 -2.65 -5.07 -16.45
N PHE A 34 -3.52 -4.11 -16.70
CA PHE A 34 -4.94 -4.23 -16.30
C PHE A 34 -5.75 -3.88 -17.54
N ASP A 35 -6.96 -4.39 -17.63
CA ASP A 35 -7.91 -4.07 -18.73
C ASP A 35 -9.26 -3.79 -18.10
N TYR A 36 -9.63 -2.52 -17.95
CA TYR A 36 -10.95 -2.18 -17.37
C TYR A 36 -11.83 -1.60 -18.48
N THR A 37 -11.60 -2.03 -19.72
CA THR A 37 -12.22 -1.44 -20.93
C THR A 37 -13.73 -1.58 -20.82
N ILE A 38 -14.23 -2.69 -20.28
CA ILE A 38 -15.69 -2.87 -20.09
C ILE A 38 -16.28 -1.85 -19.10
N LEU A 39 -15.49 -1.05 -18.36
CA LEU A 39 -16.03 -0.05 -17.39
C LEU A 39 -15.99 1.38 -17.96
N GLU A 40 -15.27 1.63 -19.05
CA GLU A 40 -15.13 3.01 -19.57
C GLU A 40 -16.53 3.62 -19.76
N ARG A 41 -17.50 2.85 -20.26
CA ARG A 41 -18.89 3.29 -20.54
C ARG A 41 -19.56 3.92 -19.31
N PHE A 42 -19.22 3.49 -18.09
CA PHE A 42 -19.82 4.00 -16.83
C PHE A 42 -19.32 5.41 -16.50
N MET A 43 -18.35 5.98 -17.25
CA MET A 43 -17.96 7.40 -17.12
C MET A 43 -19.06 8.33 -17.65
N ARG A 44 -20.12 7.78 -18.22
CA ARG A 44 -21.36 8.53 -18.60
C ARG A 44 -22.05 9.11 -17.34
N PHE A 45 -21.99 8.39 -16.22
CA PHE A 45 -22.81 8.64 -15.01
C PHE A 45 -22.02 9.39 -13.93
N SER A 46 -22.71 10.30 -13.22
CA SER A 46 -22.27 10.98 -11.98
C SER A 46 -22.44 9.99 -10.84
N ILE A 47 -21.55 9.01 -10.75
CA ILE A 47 -21.56 8.03 -9.62
C ILE A 47 -20.85 8.67 -8.41
N ASN A 48 -21.38 8.44 -7.20
CA ASN A 48 -20.86 9.04 -5.95
C ASN A 48 -21.17 8.10 -4.81
N ASN A 49 -20.13 7.50 -4.21
CA ASN A 49 -20.28 6.53 -3.11
C ASN A 49 -20.14 7.23 -1.76
N CYS A 50 -20.44 8.54 -1.71
CA CYS A 50 -20.60 9.31 -0.45
C CYS A 50 -21.32 8.46 0.59
N GLY A 51 -20.76 8.39 1.79
CA GLY A 51 -21.31 7.65 2.94
C GLY A 51 -20.78 6.22 3.01
N ASP A 52 -21.36 5.48 3.93
CA ASP A 52 -21.02 4.06 4.18
C ASP A 52 -21.86 3.22 3.22
N TRP A 53 -21.18 2.33 2.48
CA TRP A 53 -21.78 1.41 1.47
C TRP A 53 -22.72 0.39 2.13
N ALA A 54 -22.64 0.19 3.44
CA ALA A 54 -23.51 -0.74 4.20
C ALA A 54 -24.86 -0.09 4.54
N GLU A 55 -25.01 1.23 4.34
CA GLU A 55 -26.23 2.00 4.71
C GLU A 55 -26.88 2.56 3.44
N TYR A 56 -28.13 2.99 3.55
CA TYR A 56 -28.92 3.47 2.39
C TYR A 56 -28.39 4.85 2.04
N SER A 57 -28.48 5.20 0.75
CA SER A 57 -28.17 6.55 0.22
C SER A 57 -29.24 6.87 -0.81
N ASN A 58 -29.80 8.07 -0.75
CA ASN A 58 -30.77 8.56 -1.75
C ASN A 58 -30.03 9.07 -2.98
N TYR A 59 -28.70 9.10 -2.93
CA TYR A 59 -27.86 9.34 -4.13
C TYR A 59 -27.75 8.00 -4.87
N LEU A 60 -28.66 7.81 -5.85
CA LEU A 60 -29.00 6.50 -6.44
C LEU A 60 -27.81 6.01 -7.26
N LEU A 61 -27.08 6.92 -7.91
CA LEU A 61 -25.95 6.58 -8.78
C LEU A 61 -24.73 6.29 -7.88
N ASN A 62 -24.73 5.10 -7.27
CA ASN A 62 -23.62 4.62 -6.43
C ASN A 62 -23.38 3.15 -6.78
N SER A 63 -22.19 2.64 -6.42
CA SER A 63 -21.73 1.26 -6.67
C SER A 63 -21.60 0.52 -5.34
N PHE A 64 -22.46 0.81 -4.35
CA PHE A 64 -22.33 0.22 -3.00
C PHE A 64 -22.32 -1.30 -3.07
N ASP A 65 -23.15 -1.94 -3.88
CA ASP A 65 -23.26 -3.43 -3.78
C ASP A 65 -21.98 -4.05 -4.36
N PHE A 66 -21.32 -3.36 -5.29
CA PHE A 66 -19.97 -3.69 -5.79
C PHE A 66 -18.94 -3.44 -4.68
N GLU A 67 -19.01 -2.32 -3.96
CA GLU A 67 -18.05 -2.03 -2.87
C GLU A 67 -18.19 -3.11 -1.77
N LYS A 68 -19.41 -3.47 -1.42
CA LYS A 68 -19.70 -4.50 -0.39
C LYS A 68 -18.94 -5.79 -0.73
N GLU A 69 -18.94 -6.19 -1.99
CA GLU A 69 -18.35 -7.49 -2.43
C GLU A 69 -16.82 -7.37 -2.40
N VAL A 70 -16.28 -6.19 -2.74
CA VAL A 70 -14.82 -5.92 -2.68
C VAL A 70 -14.40 -6.08 -1.22
N MET A 71 -15.14 -5.50 -0.27
CA MET A 71 -14.81 -5.59 1.17
C MET A 71 -15.03 -7.02 1.66
N GLU A 72 -15.91 -7.81 1.03
CA GLU A 72 -16.08 -9.25 1.38
C GLU A 72 -14.81 -9.99 0.99
N TYR A 73 -14.34 -9.76 -0.23
CA TYR A 73 -13.11 -10.39 -0.75
C TYR A 73 -11.94 -10.06 0.19
N PHE A 74 -11.79 -8.79 0.60
CA PHE A 74 -10.62 -8.38 1.41
C PHE A 74 -10.73 -8.92 2.85
N ALA A 75 -11.93 -8.91 3.43
CA ALA A 75 -12.15 -9.50 4.76
C ALA A 75 -11.72 -10.97 4.71
N ASP A 76 -12.09 -11.69 3.66
CA ASP A 76 -11.76 -13.14 3.53
C ASP A 76 -10.25 -13.23 3.29
N LEU A 77 -9.73 -12.41 2.41
CA LEU A 77 -8.29 -12.47 2.07
C LEU A 77 -7.44 -12.24 3.31
N PHE A 78 -7.84 -11.33 4.19
CA PHE A 78 -7.05 -10.89 5.38
C PHE A 78 -7.55 -11.61 6.66
N LYS A 79 -8.38 -12.65 6.53
CA LYS A 79 -8.71 -13.59 7.63
C LYS A 79 -9.40 -12.86 8.78
N ILE A 80 -10.41 -12.06 8.44
CA ILE A 80 -11.34 -11.44 9.42
C ILE A 80 -12.75 -11.74 8.92
N PRO A 81 -13.61 -12.34 9.78
CA PRO A 81 -14.99 -12.64 9.40
C PRO A 81 -15.57 -11.30 8.95
N PHE A 82 -16.33 -11.32 7.87
CA PHE A 82 -16.86 -10.09 7.24
C PHE A 82 -17.60 -9.25 8.29
N GLU A 83 -18.46 -9.87 9.10
CA GLU A 83 -19.35 -9.18 10.08
C GLU A 83 -18.50 -8.56 11.21
N ASP A 84 -17.22 -8.94 11.38
CA ASP A 84 -16.36 -8.31 12.42
C ASP A 84 -15.51 -7.20 11.79
N SER A 85 -15.62 -7.02 10.46
CA SER A 85 -14.79 -6.10 9.66
C SER A 85 -15.56 -4.81 9.40
N TRP A 86 -14.81 -3.74 9.18
CA TRP A 86 -15.27 -2.44 8.69
C TRP A 86 -14.19 -1.88 7.76
N GLY A 87 -14.56 -1.41 6.60
CA GLY A 87 -13.65 -0.58 5.81
C GLY A 87 -14.30 -0.17 4.52
N TYR A 88 -13.52 0.37 3.60
CA TYR A 88 -14.08 0.94 2.35
C TYR A 88 -12.97 1.08 1.35
N VAL A 89 -13.36 1.29 0.09
CA VAL A 89 -12.42 1.57 -1.03
C VAL A 89 -12.15 3.08 -0.98
N THR A 90 -10.88 3.45 -0.77
CA THR A 90 -10.45 4.84 -0.46
C THR A 90 -9.78 5.45 -1.68
N ASN A 91 -9.29 6.68 -1.55
CA ASN A 91 -8.59 7.41 -2.62
C ASN A 91 -7.10 7.00 -2.71
N GLY A 92 -6.64 6.10 -1.83
CA GLY A 92 -5.26 5.56 -1.91
C GLY A 92 -4.74 4.97 -0.61
N GLY A 93 -3.52 4.42 -0.65
CA GLY A 93 -2.81 3.91 0.55
C GLY A 93 -2.73 4.95 1.64
N THR A 94 -2.52 6.22 1.28
CA THR A 94 -2.38 7.32 2.27
C THR A 94 -3.67 7.46 3.09
N GLU A 95 -4.84 7.61 2.45
CA GLU A 95 -6.15 7.72 3.14
C GLU A 95 -6.36 6.49 4.01
N SER A 96 -6.06 5.31 3.48
CA SER A 96 -6.25 4.04 4.23
C SER A 96 -5.43 4.09 5.52
N ASN A 97 -4.15 4.45 5.42
CA ASN A 97 -3.21 4.51 6.56
C ASN A 97 -3.66 5.62 7.48
N MET A 98 -4.05 6.77 6.92
CA MET A 98 -4.56 7.89 7.74
C MET A 98 -5.73 7.39 8.60
N PHE A 99 -6.67 6.66 8.00
CA PHE A 99 -7.81 6.08 8.73
C PHE A 99 -7.27 5.17 9.84
N GLY A 100 -6.36 4.25 9.52
CA GLY A 100 -5.83 3.29 10.51
C GLY A 100 -5.26 4.02 11.71
N VAL A 101 -4.48 5.06 11.49
CA VAL A 101 -3.76 5.77 12.58
C VAL A 101 -4.78 6.55 13.41
N TYR A 102 -5.75 7.17 12.74
CA TYR A 102 -6.90 7.92 13.34
C TYR A 102 -7.64 7.01 14.31
N LEU A 103 -7.99 5.83 13.85
CA LEU A 103 -8.66 4.82 14.69
C LEU A 103 -7.81 4.57 15.95
N GLY A 104 -6.52 4.30 15.77
CA GLY A 104 -5.57 4.09 16.87
C GLY A 104 -5.51 5.28 17.80
N ARG A 105 -5.42 6.49 17.23
CA ARG A 105 -5.42 7.74 17.99
C ARG A 105 -6.70 7.87 18.82
N GLU A 106 -7.86 7.54 18.26
CA GLU A 106 -9.15 7.73 18.94
C GLU A 106 -9.25 6.67 20.04
N LEU A 107 -8.70 5.47 19.86
CA LEU A 107 -8.67 4.45 20.94
C LEU A 107 -7.65 4.84 22.02
N PHE A 108 -6.52 5.43 21.66
CA PHE A 108 -5.40 5.74 22.58
C PHE A 108 -4.94 7.17 22.34
N PRO A 109 -5.70 8.17 22.85
CA PRO A 109 -5.50 9.59 22.50
C PRO A 109 -4.17 10.16 22.97
N ASP A 110 -3.48 9.42 23.83
CA ASP A 110 -2.11 9.77 24.32
C ASP A 110 -1.07 8.72 23.89
N GLY A 111 -1.45 7.65 23.18
CA GLY A 111 -0.46 6.72 22.60
C GLY A 111 0.51 7.45 21.67
N THR A 112 1.79 7.10 21.77
CA THR A 112 2.85 7.44 20.79
C THR A 112 2.74 6.53 19.55
N LEU A 113 2.85 7.14 18.38
CA LEU A 113 2.95 6.41 17.10
C LEU A 113 4.44 6.13 16.87
N TYR A 114 4.81 4.86 16.82
CA TYR A 114 6.20 4.42 16.56
C TYR A 114 6.26 3.99 15.09
N TYR A 115 7.29 4.46 14.40
CA TYR A 115 7.53 4.17 12.96
C TYR A 115 9.04 4.18 12.67
N SER A 116 9.51 3.24 11.84
CA SER A 116 10.93 3.08 11.42
C SER A 116 11.33 4.19 10.45
N LYS A 117 12.63 4.39 10.32
CA LYS A 117 13.26 5.34 9.35
C LYS A 117 12.95 4.94 7.90
N ASP A 118 12.40 3.74 7.68
CA ASP A 118 12.09 3.23 6.32
C ASP A 118 10.60 3.43 6.01
N THR A 119 9.84 4.00 6.94
CA THR A 119 8.41 4.32 6.79
C THR A 119 8.26 5.31 5.62
N HIS A 120 7.23 5.08 4.79
CA HIS A 120 6.85 5.90 3.60
C HIS A 120 6.64 7.37 4.00
N TYR A 121 7.11 8.30 3.20
CA TYR A 121 7.06 9.76 3.50
C TYR A 121 5.62 10.19 3.83
N SER A 122 4.60 9.46 3.38
CA SER A 122 3.17 9.81 3.64
C SER A 122 2.92 9.93 5.14
N VAL A 123 3.68 9.20 5.95
CA VAL A 123 3.47 9.16 7.43
C VAL A 123 3.80 10.51 8.06
N ALA A 124 4.66 11.32 7.46
CA ALA A 124 4.93 12.68 7.97
C ALA A 124 3.64 13.51 7.79
N LYS A 125 2.94 13.32 6.67
CA LYS A 125 1.68 14.05 6.42
C LYS A 125 0.65 13.60 7.46
N ILE A 126 0.47 12.29 7.62
CA ILE A 126 -0.53 11.72 8.55
C ILE A 126 -0.27 12.27 9.96
N VAL A 127 0.99 12.26 10.42
CA VAL A 127 1.37 12.70 11.79
C VAL A 127 1.07 14.20 11.97
N LYS A 128 1.42 15.07 11.00
CA LYS A 128 1.16 16.51 11.13
C LYS A 128 -0.35 16.80 11.10
N LEU A 129 -1.07 16.26 10.13
CA LEU A 129 -2.54 16.37 10.00
C LEU A 129 -3.20 16.00 11.33
N LEU A 130 -2.86 14.85 11.90
CA LEU A 130 -3.59 14.21 13.02
C LEU A 130 -3.11 14.72 14.39
N ARG A 131 -2.09 15.59 14.46
CA ARG A 131 -1.52 16.14 15.73
C ARG A 131 -1.29 15.00 16.72
N ILE A 132 -0.71 13.92 16.23
CA ILE A 132 -0.52 12.70 17.06
C ILE A 132 0.92 12.71 17.59
N LYS A 133 1.12 12.31 18.83
CA LYS A 133 2.45 12.02 19.44
C LYS A 133 3.12 10.91 18.62
N SER A 134 4.36 11.10 18.24
CA SER A 134 5.14 10.21 17.36
C SER A 134 6.56 10.03 17.90
N GLN A 135 7.18 8.90 17.59
CA GLN A 135 8.59 8.60 17.97
C GLN A 135 9.23 7.82 16.82
N LEU A 136 10.24 8.41 16.18
CA LEU A 136 11.08 7.72 15.18
C LEU A 136 11.81 6.53 15.83
N VAL A 137 11.83 5.40 15.14
CA VAL A 137 12.60 4.20 15.55
C VAL A 137 13.62 3.92 14.45
N ASP A 138 14.78 3.39 14.86
CA ASP A 138 15.91 3.08 13.97
C ASP A 138 15.48 1.97 13.02
N SER A 139 16.25 1.77 11.95
CA SER A 139 16.06 0.64 11.00
C SER A 139 17.29 -0.26 11.06
N LEU A 140 17.07 -1.57 10.84
CA LEU A 140 18.13 -2.53 10.45
C LEU A 140 18.55 -2.25 9.01
N PRO A 141 19.73 -2.75 8.55
CA PRO A 141 20.23 -2.48 7.19
C PRO A 141 19.25 -2.93 6.09
N ASN A 142 18.61 -4.05 6.37
CA ASN A 142 17.41 -4.68 5.80
C ASN A 142 16.27 -3.72 5.41
N GLY A 143 16.10 -2.64 6.16
CA GLY A 143 14.90 -1.79 6.12
C GLY A 143 13.84 -2.20 7.14
N GLU A 144 14.02 -3.26 7.91
CA GLU A 144 13.08 -3.65 8.99
C GLU A 144 13.30 -2.72 10.19
N ILE A 145 12.24 -2.50 10.96
CA ILE A 145 12.29 -1.71 12.22
C ILE A 145 13.28 -2.38 13.17
N ASP A 146 14.18 -1.58 13.77
CA ASP A 146 15.08 -2.03 14.85
C ASP A 146 14.20 -2.34 16.06
N TYR A 147 13.83 -3.61 16.19
CA TYR A 147 12.91 -4.14 17.22
C TYR A 147 13.47 -3.77 18.59
N ASP A 148 14.78 -3.86 18.78
CA ASP A 148 15.39 -3.65 20.11
C ASP A 148 15.24 -2.16 20.46
N ASP A 149 15.47 -1.28 19.50
CA ASP A 149 15.32 0.18 19.72
C ASP A 149 13.84 0.52 20.04
N LEU A 150 12.91 -0.23 19.45
CA LEU A 150 11.47 0.04 19.59
C LEU A 150 11.11 -0.22 21.06
N ILE A 151 11.49 -1.39 21.54
CA ILE A 151 11.18 -1.86 22.91
C ILE A 151 11.91 -0.92 23.90
N SER A 152 13.11 -0.50 23.57
CA SER A 152 13.92 0.34 24.47
C SER A 152 13.24 1.72 24.59
N LYS A 153 12.68 2.22 23.48
CA LYS A 153 12.02 3.55 23.47
C LYS A 153 10.69 3.45 24.20
N ILE A 154 9.98 2.34 24.02
CA ILE A 154 8.68 2.14 24.72
C ILE A 154 8.92 2.19 26.23
N LYS A 155 9.79 1.34 26.78
CA LYS A 155 10.17 1.32 28.24
C LYS A 155 10.57 2.72 28.71
N GLN A 156 11.46 3.37 27.97
CA GLN A 156 12.01 4.70 28.33
C GLN A 156 10.85 5.72 28.45
N ASP A 157 9.95 5.80 27.46
CA ASP A 157 8.83 6.79 27.41
C ASP A 157 7.79 6.39 28.46
N ASP A 158 7.94 5.19 29.05
CA ASP A 158 6.96 4.58 29.98
C ASP A 158 5.58 4.54 29.28
N GLU A 159 5.57 4.34 27.96
CA GLU A 159 4.35 4.30 27.10
C GLU A 159 3.50 3.07 27.44
N LYS A 160 2.27 3.32 27.86
CA LYS A 160 1.28 2.28 28.27
C LYS A 160 0.49 1.77 27.07
N HIS A 161 0.36 2.58 26.00
CA HIS A 161 -0.54 2.31 24.84
C HIS A 161 0.16 2.67 23.52
N PRO A 162 1.23 1.94 23.12
CA PRO A 162 1.95 2.25 21.89
C PRO A 162 1.08 1.98 20.65
N ILE A 163 1.23 2.86 19.66
CA ILE A 163 0.56 2.74 18.34
C ILE A 163 1.66 2.40 17.35
N ILE A 164 1.70 1.14 16.93
CA ILE A 164 2.73 0.64 16.00
C ILE A 164 2.27 0.88 14.57
N PHE A 165 3.06 1.66 13.83
CA PHE A 165 2.95 1.81 12.37
C PHE A 165 3.86 0.76 11.74
N ALA A 166 3.31 -0.42 11.42
CA ALA A 166 4.04 -1.60 10.91
C ALA A 166 4.16 -1.56 9.38
N ASN A 167 5.39 -1.42 8.88
CA ASN A 167 5.63 -1.36 7.41
C ASN A 167 5.59 -2.78 6.85
N ILE A 168 4.49 -3.20 6.22
CA ILE A 168 4.45 -4.48 5.46
C ILE A 168 4.83 -4.18 4.00
N GLY A 169 6.14 -4.06 3.73
CA GLY A 169 6.69 -3.83 2.39
C GLY A 169 7.14 -2.39 2.23
N THR A 170 8.28 -2.08 2.82
CA THR A 170 9.02 -0.80 2.79
C THR A 170 9.14 -0.30 1.34
N THR A 171 9.07 1.01 1.13
CA THR A 171 9.06 1.56 -0.24
C THR A 171 10.41 1.24 -0.86
N VAL A 172 11.51 1.61 -0.18
CA VAL A 172 12.87 1.55 -0.79
C VAL A 172 13.36 0.09 -0.83
N ARG A 173 13.21 -0.70 0.24
CA ARG A 173 13.94 -1.98 0.42
C ARG A 173 13.00 -3.18 0.42
N GLY A 174 11.69 -2.96 0.42
CA GLY A 174 10.74 -4.11 0.47
C GLY A 174 10.84 -4.90 1.77
N ALA A 175 11.24 -4.25 2.86
CA ALA A 175 11.31 -4.87 4.21
C ALA A 175 9.90 -5.11 4.74
N ILE A 176 9.75 -6.14 5.56
CA ILE A 176 8.48 -6.43 6.29
C ILE A 176 8.75 -6.50 7.79
N ASP A 177 8.26 -5.48 8.51
CA ASP A 177 8.31 -5.39 10.00
C ASP A 177 7.64 -6.67 10.52
N ASP A 178 8.34 -7.44 11.35
CA ASP A 178 7.84 -8.74 11.88
C ASP A 178 6.86 -8.49 13.02
N ILE A 179 5.57 -8.69 12.79
CA ILE A 179 4.52 -8.30 13.77
C ILE A 179 4.40 -9.39 14.84
N SER A 180 4.83 -10.61 14.53
CA SER A 180 4.91 -11.71 15.54
C SER A 180 5.93 -11.33 16.61
N LYS A 181 7.11 -10.90 16.20
CA LYS A 181 8.21 -10.48 17.09
C LYS A 181 7.78 -9.23 17.85
N ILE A 182 7.26 -8.21 17.15
CA ILE A 182 6.81 -6.94 17.79
C ILE A 182 5.84 -7.30 18.93
N GLN A 183 4.85 -8.16 18.68
CA GLN A 183 3.79 -8.47 19.69
C GLN A 183 4.39 -9.30 20.85
N ALA A 184 5.26 -10.27 20.58
CA ALA A 184 5.93 -11.09 21.62
C ALA A 184 6.79 -10.20 22.53
N MET A 185 7.52 -9.26 21.94
CA MET A 185 8.50 -8.38 22.63
C MET A 185 7.78 -7.33 23.46
N ILE A 186 6.66 -6.82 22.98
CA ILE A 186 5.85 -5.82 23.74
C ILE A 186 5.13 -6.58 24.85
N GLY A 187 4.62 -7.78 24.56
CA GLY A 187 4.08 -8.70 25.59
C GLY A 187 5.09 -8.89 26.72
N GLU A 188 6.37 -9.09 26.36
CA GLU A 188 7.50 -9.35 27.29
C GLU A 188 7.68 -8.11 28.20
N LEU A 189 7.31 -6.91 27.75
CA LEU A 189 7.28 -5.68 28.59
C LEU A 189 6.05 -5.65 29.52
N GLY A 190 5.11 -6.58 29.43
CA GLY A 190 3.93 -6.54 30.30
C GLY A 190 2.86 -5.56 29.84
N ILE A 191 2.86 -5.19 28.55
CA ILE A 191 1.72 -4.51 27.86
C ILE A 191 0.83 -5.58 27.23
N LYS A 192 -0.45 -5.60 27.62
CA LYS A 192 -1.47 -6.57 27.15
C LYS A 192 -1.91 -6.13 25.76
N ARG A 193 -2.20 -7.10 24.88
CA ARG A 193 -2.56 -6.87 23.45
C ARG A 193 -3.70 -5.85 23.36
N GLU A 194 -4.73 -5.92 24.23
CA GLU A 194 -5.94 -5.05 24.18
C GLU A 194 -5.56 -3.60 24.46
N ASP A 195 -4.39 -3.35 25.02
CA ASP A 195 -4.01 -1.99 25.48
C ASP A 195 -3.12 -1.29 24.45
N TYR A 196 -2.90 -1.87 23.27
CA TYR A 196 -2.19 -1.13 22.19
C TYR A 196 -2.73 -1.51 20.80
N TYR A 197 -2.25 -0.76 19.81
CA TYR A 197 -2.75 -0.79 18.41
C TYR A 197 -1.59 -1.08 17.45
N ILE A 198 -1.85 -1.90 16.44
CA ILE A 198 -0.93 -2.12 15.29
C ILE A 198 -1.66 -1.89 13.97
N HIS A 199 -1.18 -0.92 13.20
CA HIS A 199 -1.63 -0.67 11.81
C HIS A 199 -0.57 -1.16 10.80
N ALA A 200 -1.00 -1.97 9.84
CA ALA A 200 -0.20 -2.48 8.72
C ALA A 200 -0.34 -1.55 7.51
N ASP A 201 0.70 -0.77 7.18
CA ASP A 201 0.88 -0.20 5.83
C ASP A 201 1.39 -1.33 4.95
N ALA A 202 0.48 -1.92 4.17
CA ALA A 202 0.72 -3.00 3.19
C ALA A 202 0.41 -2.49 1.77
N ALA A 203 0.73 -1.23 1.48
CA ALA A 203 0.39 -0.57 0.20
C ALA A 203 0.66 -1.53 -0.97
N LEU A 204 1.87 -2.08 -1.07
CA LEU A 204 2.27 -2.98 -2.18
C LEU A 204 2.04 -4.43 -1.76
N SER A 205 2.63 -4.86 -0.65
CA SER A 205 2.75 -6.29 -0.28
C SER A 205 1.42 -6.85 0.25
N GLY A 206 0.41 -6.00 0.51
CA GLY A 206 -0.91 -6.50 0.93
C GLY A 206 -1.57 -7.40 -0.10
N MET A 207 -1.21 -7.24 -1.38
CA MET A 207 -1.68 -8.12 -2.51
C MET A 207 -0.48 -8.90 -3.10
N ILE A 208 0.54 -9.17 -2.28
CA ILE A 208 1.62 -10.14 -2.60
C ILE A 208 1.52 -11.30 -1.62
N LEU A 209 1.64 -10.97 -0.34
CA LEU A 209 1.71 -11.98 0.75
C LEU A 209 0.56 -12.98 0.72
N PRO A 210 -0.69 -12.64 0.35
CA PRO A 210 -1.76 -13.65 0.34
C PRO A 210 -1.64 -14.76 -0.73
N PHE A 211 -0.65 -14.65 -1.63
CA PHE A 211 -0.51 -15.47 -2.85
C PHE A 211 0.83 -16.19 -2.85
N VAL A 212 1.48 -16.22 -1.69
CA VAL A 212 2.89 -16.67 -1.54
C VAL A 212 2.91 -17.86 -0.56
N ASP A 213 3.93 -18.72 -0.64
CA ASP A 213 3.96 -20.02 0.11
C ASP A 213 4.24 -19.75 1.61
N GLU A 214 5.17 -18.84 1.93
CA GLU A 214 5.63 -18.61 3.33
C GLU A 214 5.45 -17.13 3.67
N PRO A 215 4.20 -16.64 3.84
CA PRO A 215 3.99 -15.23 4.16
C PRO A 215 4.47 -14.92 5.58
N GLN A 216 5.20 -13.82 5.74
CA GLN A 216 5.31 -13.11 7.04
C GLN A 216 3.90 -12.82 7.59
N GLY A 217 3.81 -12.46 8.86
CA GLY A 217 2.58 -11.99 9.52
C GLY A 217 2.15 -10.65 8.94
N PHE A 218 0.89 -10.50 8.56
CA PHE A 218 0.36 -9.23 8.00
C PHE A 218 -1.14 -9.08 8.20
N ASN A 219 -1.86 -10.14 8.57
CA ASN A 219 -3.34 -10.15 8.48
C ASN A 219 -3.97 -10.23 9.86
N PHE A 220 -5.28 -10.30 9.93
CA PHE A 220 -6.05 -10.24 11.19
C PHE A 220 -5.76 -11.49 12.05
N ALA A 221 -5.58 -12.67 11.46
CA ALA A 221 -5.22 -13.88 12.23
C ALA A 221 -3.82 -13.74 12.83
N ASP A 222 -2.97 -12.88 12.26
CA ASP A 222 -1.58 -12.62 12.71
C ASP A 222 -1.59 -11.47 13.73
N GLY A 223 -2.74 -10.87 14.03
CA GLY A 223 -2.93 -9.95 15.16
C GLY A 223 -2.92 -8.45 14.83
N ILE A 224 -2.93 -8.04 13.54
CA ILE A 224 -3.06 -6.59 13.18
C ILE A 224 -4.43 -6.11 13.64
N ASP A 225 -4.59 -4.78 13.77
CA ASP A 225 -5.87 -4.13 14.11
C ASP A 225 -6.51 -3.54 12.85
N SER A 226 -5.71 -3.07 11.90
CA SER A 226 -6.15 -2.48 10.63
C SER A 226 -5.04 -2.60 9.60
N ILE A 227 -5.40 -2.60 8.31
CA ILE A 227 -4.44 -2.67 7.19
C ILE A 227 -4.89 -1.73 6.07
N GLY A 228 -3.92 -1.09 5.40
CA GLY A 228 -4.12 -0.34 4.16
C GLY A 228 -3.39 -0.99 2.99
N VAL A 229 -3.99 -0.92 1.79
CA VAL A 229 -3.50 -1.48 0.50
C VAL A 229 -3.76 -0.39 -0.56
N SER A 230 -2.84 -0.20 -1.51
CA SER A 230 -3.01 0.68 -2.69
C SER A 230 -3.52 -0.16 -3.87
N GLY A 231 -4.72 0.14 -4.39
CA GLY A 231 -5.33 -0.60 -5.51
C GLY A 231 -4.51 -0.50 -6.79
N HIS A 232 -3.79 0.60 -6.97
CA HIS A 232 -3.04 0.89 -8.21
C HIS A 232 -1.64 0.28 -8.21
N1 LLP A 233 3.17 3.15 1.84
C2 LLP A 233 3.95 2.48 0.99
C2' LLP A 233 4.86 1.44 1.53
C3 LLP A 233 3.88 2.75 -0.40
O3 LLP A 233 4.70 2.06 -1.23
C4 LLP A 233 2.98 3.71 -0.89
C4' LLP A 233 2.87 3.98 -2.35
C5 LLP A 233 2.19 4.40 0.06
C6 LLP A 233 2.32 4.08 1.38
C5' LLP A 233 1.24 5.51 -0.31
OP4 LLP A 233 0.05 5.02 -0.95
P LLP A 233 -0.72 5.92 -2.03
OP1 LLP A 233 -1.59 4.91 -2.66
OP2 LLP A 233 0.34 6.52 -2.91
OP3 LLP A 233 -1.46 6.99 -1.24
N LLP A 233 -1.31 -0.46 -7.16
CA LLP A 233 0.05 -0.94 -6.98
CB LLP A 233 0.49 -0.77 -5.53
CG LLP A 233 1.63 0.22 -5.25
CD LLP A 233 1.31 1.52 -4.53
CE LLP A 233 2.14 1.78 -3.25
NZ LLP A 233 2.88 3.05 -3.31
C LLP A 233 0.05 -2.36 -7.55
O LLP A 233 0.21 -2.55 -8.77
N MET A 234 -0.20 -3.38 -6.72
CA MET A 234 0.02 -4.71 -7.20
C MET A 234 -1.12 -5.11 -8.14
N ILE A 235 -2.38 -4.80 -7.81
CA ILE A 235 -3.53 -5.17 -8.69
C ILE A 235 -3.43 -4.40 -10.00
N GLY A 236 -3.26 -3.08 -9.92
CA GLY A 236 -3.27 -2.21 -11.12
C GLY A 236 -4.57 -1.44 -11.29
N SER A 237 -4.48 -0.13 -11.53
CA SER A 237 -5.67 0.72 -11.69
C SER A 237 -5.27 1.98 -12.45
N PRO A 238 -6.13 2.44 -13.38
CA PRO A 238 -5.86 3.67 -14.10
C PRO A 238 -5.87 4.87 -13.14
N ILE A 239 -6.67 4.76 -12.07
CA ILE A 239 -6.89 5.81 -11.04
C ILE A 239 -6.40 5.28 -9.69
N PRO A 240 -5.55 6.01 -8.96
CA PRO A 240 -5.18 5.60 -7.61
C PRO A 240 -6.41 5.37 -6.73
N CYS A 241 -6.33 4.34 -5.90
CA CYS A 241 -7.37 3.94 -4.94
C CYS A 241 -6.76 3.07 -3.83
N GLY A 242 -7.52 2.82 -2.78
CA GLY A 242 -7.02 2.00 -1.66
C GLY A 242 -8.11 1.16 -1.06
N ILE A 243 -7.72 0.18 -0.27
CA ILE A 243 -8.62 -0.54 0.65
C ILE A 243 -8.10 -0.26 2.05
N VAL A 244 -9.01 -0.03 2.98
CA VAL A 244 -8.69 -0.10 4.43
C VAL A 244 -9.65 -1.12 5.02
N VAL A 245 -9.14 -2.00 5.86
CA VAL A 245 -9.97 -2.96 6.63
C VAL A 245 -9.59 -2.75 8.10
N ALA A 246 -10.58 -2.58 8.97
CA ALA A 246 -10.37 -2.40 10.43
C ALA A 246 -11.32 -3.32 11.17
N LYS A 247 -11.25 -3.34 12.50
CA LYS A 247 -12.19 -4.14 13.34
C LYS A 247 -13.42 -3.28 13.61
N LYS A 248 -14.62 -3.82 13.35
CA LYS A 248 -15.89 -3.11 13.58
C LYS A 248 -15.96 -2.59 15.02
N ARG A 249 -15.51 -3.39 15.98
CA ARG A 249 -15.51 -3.07 17.44
C ARG A 249 -14.76 -1.75 17.63
N ASN A 250 -13.61 -1.60 16.95
CA ASN A 250 -12.76 -0.39 17.10
C ASN A 250 -13.51 0.80 16.49
N VAL A 251 -14.08 0.62 15.30
CA VAL A 251 -14.78 1.71 14.58
C VAL A 251 -16.04 2.14 15.34
N ASP A 252 -16.81 1.20 15.91
CA ASP A 252 -18.01 1.48 16.76
C ASP A 252 -17.61 2.26 18.03
N ALA A 253 -16.45 1.95 18.62
CA ALA A 253 -15.99 2.51 19.90
C ALA A 253 -15.61 3.98 19.75
N ILE A 254 -15.63 4.55 18.55
CA ILE A 254 -15.21 5.97 18.34
C ILE A 254 -16.42 6.75 17.83
N SER A 255 -16.36 8.07 18.00
CA SER A 255 -17.52 9.00 17.94
C SER A 255 -17.14 10.26 17.15
N VAL A 256 -17.65 10.40 15.92
CA VAL A 256 -17.26 11.52 14.99
C VAL A 256 -18.33 12.62 15.04
N GLU A 257 -18.98 12.79 16.20
CA GLU A 257 -19.97 13.87 16.50
C GLU A 257 -19.19 15.09 17.00
N ILE A 258 -19.48 16.28 16.43
CA ILE A 258 -18.98 17.61 16.90
C ILE A 258 -20.18 18.32 17.54
N ASP A 259 -19.96 19.43 18.26
CA ASP A 259 -21.03 20.27 18.84
C ASP A 259 -22.04 20.59 17.72
N TYR A 260 -23.22 19.91 17.76
CA TYR A 260 -24.43 20.14 16.93
C TYR A 260 -24.33 19.41 15.57
N ILE A 261 -23.12 19.28 15.02
CA ILE A 261 -22.85 18.68 13.68
C ILE A 261 -22.34 17.24 13.89
N SER A 262 -23.15 16.27 13.46
CA SER A 262 -22.78 14.85 13.32
C SER A 262 -22.08 14.65 11.98
N ALA A 263 -21.40 13.52 11.81
CA ALA A 263 -21.22 12.84 10.51
C ALA A 263 -22.14 11.61 10.55
N HIS A 264 -22.92 11.33 9.50
CA HIS A 264 -23.78 10.13 9.48
C HIS A 264 -22.90 8.87 9.44
N ASP A 265 -21.58 8.99 9.16
CA ASP A 265 -20.70 7.82 8.88
C ASP A 265 -19.24 8.04 9.33
N LYS A 266 -18.48 6.95 9.32
CA LYS A 266 -17.14 6.85 9.97
C LYS A 266 -16.04 6.98 8.91
N THR A 267 -16.43 7.27 7.68
CA THR A 267 -15.52 7.49 6.52
C THR A 267 -14.80 8.84 6.73
N ILE A 268 -13.68 9.06 6.08
CA ILE A 268 -12.79 10.21 6.42
C ILE A 268 -12.77 11.20 5.25
N THR A 269 -13.71 11.03 4.33
CA THR A 269 -13.97 11.82 3.10
C THR A 269 -15.46 12.12 3.02
N GLY A 270 -15.88 12.91 2.03
CA GLY A 270 -17.28 13.17 1.73
C GLY A 270 -17.68 12.32 0.54
N SER A 271 -17.97 12.98 -0.56
CA SER A 271 -18.15 12.34 -1.87
C SER A 271 -17.02 11.32 -2.09
N ARG A 272 -17.35 10.08 -2.49
CA ARG A 272 -16.36 9.00 -2.76
C ARG A 272 -16.48 8.52 -4.21
N ASN A 273 -15.31 8.24 -4.79
CA ASN A 273 -15.14 7.56 -6.10
C ASN A 273 -15.98 6.29 -6.09
N GLY A 274 -16.92 6.17 -7.02
CA GLY A 274 -17.75 4.96 -7.17
C GLY A 274 -17.30 4.11 -8.34
N HIS A 275 -16.35 4.59 -9.15
CA HIS A 275 -15.72 3.86 -10.28
C HIS A 275 -14.57 2.94 -9.84
N THR A 276 -13.72 3.36 -8.92
CA THR A 276 -12.60 2.51 -8.42
C THR A 276 -13.13 1.28 -7.69
N PRO A 277 -14.24 1.34 -6.92
CA PRO A 277 -14.87 0.10 -6.48
C PRO A 277 -15.23 -0.85 -7.64
N LEU A 278 -15.72 -0.34 -8.78
CA LEU A 278 -16.13 -1.24 -9.88
C LEU A 278 -14.85 -1.89 -10.43
N MET A 279 -13.81 -1.10 -10.53
CA MET A 279 -12.49 -1.49 -11.09
C MET A 279 -11.85 -2.55 -10.18
N MET A 280 -11.90 -2.35 -8.86
CA MET A 280 -11.33 -3.30 -7.88
C MET A 280 -12.21 -4.55 -7.88
N TRP A 281 -13.51 -4.40 -8.15
CA TRP A 281 -14.47 -5.50 -8.28
C TRP A 281 -14.16 -6.32 -9.55
N VAL A 282 -13.97 -5.73 -10.74
CA VAL A 282 -13.68 -6.62 -11.90
C VAL A 282 -12.30 -7.29 -11.67
N ALA A 283 -11.28 -6.59 -11.15
CA ALA A 283 -9.93 -7.17 -10.85
C ALA A 283 -10.07 -8.47 -10.04
N VAL A 284 -10.91 -8.42 -9.03
CA VAL A 284 -10.94 -9.42 -7.94
C VAL A 284 -11.87 -10.57 -8.34
N LYS A 285 -12.83 -10.34 -9.25
CA LYS A 285 -13.78 -11.37 -9.75
C LYS A 285 -13.33 -11.95 -11.11
N SER A 286 -12.36 -11.33 -11.78
CA SER A 286 -11.81 -11.78 -13.07
C SER A 286 -10.42 -12.41 -12.86
N HIS A 287 -9.87 -12.38 -11.65
CA HIS A 287 -8.65 -13.14 -11.30
C HIS A 287 -8.98 -14.08 -10.14
N SER A 288 -8.67 -15.37 -10.30
CA SER A 288 -8.75 -16.41 -9.24
C SER A 288 -7.53 -16.26 -8.32
N HIS A 289 -7.56 -16.89 -7.15
CA HIS A 289 -6.37 -17.05 -6.29
C HIS A 289 -5.17 -17.57 -7.08
N ALA A 290 -5.36 -18.60 -7.94
CA ALA A 290 -4.29 -19.20 -8.77
C ALA A 290 -3.78 -18.18 -9.80
N ASP A 291 -4.64 -17.37 -10.40
CA ASP A 291 -4.16 -16.37 -11.41
C ASP A 291 -3.24 -15.38 -10.71
N PHE A 292 -3.68 -14.80 -9.57
CA PHE A 292 -2.89 -13.81 -8.79
C PHE A 292 -1.54 -14.45 -8.41
N LYS A 293 -1.54 -15.71 -7.98
CA LYS A 293 -0.30 -16.48 -7.60
C LYS A 293 0.68 -16.59 -8.78
N ARG A 294 0.21 -16.88 -9.99
CA ARG A 294 1.05 -16.92 -11.23
C ARG A 294 1.68 -15.54 -11.46
N ARG A 295 0.89 -14.46 -11.40
CA ARG A 295 1.42 -13.08 -11.64
C ARG A 295 2.56 -12.85 -10.65
N ILE A 296 2.37 -13.29 -9.41
CA ILE A 296 3.35 -12.98 -8.32
C ILE A 296 4.55 -13.91 -8.40
N ASN A 297 4.38 -15.19 -8.80
CA ASN A 297 5.54 -16.07 -9.09
C ASN A 297 6.39 -15.46 -10.20
N ARG A 298 5.77 -14.95 -11.25
CA ARG A 298 6.48 -14.34 -12.40
C ARG A 298 7.25 -13.12 -11.90
N SER A 299 6.64 -12.28 -11.07
CA SER A 299 7.30 -11.06 -10.53
C SER A 299 8.47 -11.46 -9.60
N LEU A 300 8.32 -12.54 -8.83
CA LEU A 300 9.40 -13.02 -7.90
C LEU A 300 10.55 -13.64 -8.70
N ASP A 301 10.26 -14.60 -9.59
CA ASP A 301 11.27 -15.21 -10.50
C ASP A 301 12.09 -14.08 -11.14
N LEU A 302 11.42 -13.06 -11.68
CA LEU A 302 12.08 -11.92 -12.39
C LEU A 302 12.95 -11.10 -11.43
N ALA A 303 12.56 -10.94 -10.17
CA ALA A 303 13.36 -10.23 -9.16
C ALA A 303 14.63 -11.05 -8.89
N GLN A 304 14.46 -12.37 -8.73
CA GLN A 304 15.55 -13.36 -8.50
C GLN A 304 16.55 -13.26 -9.66
N HIS A 305 16.08 -13.39 -10.90
CA HIS A 305 16.89 -13.18 -12.14
C HIS A 305 17.73 -11.91 -11.99
N ALA A 306 17.11 -10.79 -11.63
CA ALA A 306 17.78 -9.46 -11.55
C ALA A 306 18.87 -9.45 -10.47
N VAL A 307 18.68 -10.23 -9.39
CA VAL A 307 19.64 -10.28 -8.24
C VAL A 307 20.89 -11.00 -8.78
N GLN A 308 20.73 -12.25 -9.26
CA GLN A 308 21.79 -13.11 -9.89
C GLN A 308 22.58 -12.30 -10.90
N ARG A 309 21.91 -11.81 -11.94
CA ARG A 309 22.48 -10.94 -13.00
C ARG A 309 23.41 -9.88 -12.39
N LEU A 310 23.01 -9.17 -11.36
CA LEU A 310 23.83 -8.07 -10.76
C LEU A 310 24.93 -8.66 -9.85
N GLN A 311 24.66 -9.80 -9.20
CA GLN A 311 25.58 -10.54 -8.29
C GLN A 311 26.71 -11.19 -9.11
N THR A 312 26.39 -11.74 -10.29
CA THR A 312 27.35 -12.41 -11.19
C THR A 312 28.37 -11.38 -11.72
N ALA A 313 27.99 -10.11 -11.86
CA ALA A 313 28.94 -8.97 -12.03
C ALA A 313 29.29 -8.48 -10.62
N GLY A 314 29.95 -7.33 -10.48
CA GLY A 314 30.50 -6.93 -9.16
C GLY A 314 29.54 -6.06 -8.33
N ILE A 315 28.23 -6.33 -8.36
CA ILE A 315 27.20 -5.41 -7.76
C ILE A 315 26.52 -6.08 -6.54
N ASN A 316 26.51 -5.36 -5.43
CA ASN A 316 25.78 -5.78 -4.21
C ASN A 316 24.29 -5.43 -4.36
N ALA A 317 23.56 -6.35 -4.97
CA ALA A 317 22.11 -6.25 -5.19
C ALA A 317 21.45 -7.33 -4.35
N TRP A 318 20.36 -7.00 -3.68
CA TRP A 318 19.66 -7.96 -2.79
C TRP A 318 18.17 -7.62 -2.78
N CYS A 319 17.39 -8.59 -2.37
CA CYS A 319 15.91 -8.56 -2.37
C CYS A 319 15.44 -9.34 -1.13
N ASN A 320 14.62 -8.72 -0.28
CA ASN A 320 14.06 -9.36 0.93
C ASN A 320 13.18 -10.51 0.49
N LYS A 321 12.79 -11.36 1.45
CA LYS A 321 11.94 -12.55 1.20
C LYS A 321 10.53 -12.10 0.83
N ASN A 322 9.98 -12.73 -0.21
CA ASN A 322 8.62 -12.50 -0.76
C ASN A 322 8.53 -11.10 -1.39
N SER A 323 9.66 -10.47 -1.69
CA SER A 323 9.75 -9.09 -2.24
C SER A 323 9.97 -9.13 -3.76
N ILE A 324 9.53 -8.09 -4.44
CA ILE A 324 9.70 -7.88 -5.91
C ILE A 324 10.47 -6.56 -6.06
N THR A 325 11.09 -6.12 -4.97
CA THR A 325 11.94 -4.91 -4.95
C THR A 325 13.39 -5.36 -4.86
N VAL A 326 14.18 -5.02 -5.88
CA VAL A 326 15.61 -5.43 -5.97
C VAL A 326 16.43 -4.19 -5.71
N VAL A 327 17.28 -4.22 -4.68
CA VAL A 327 18.04 -3.05 -4.17
C VAL A 327 19.48 -3.19 -4.65
N PHE A 328 20.09 -2.08 -5.00
CA PHE A 328 21.49 -2.00 -5.44
C PHE A 328 21.95 -0.58 -5.17
N PRO A 329 23.28 -0.31 -5.12
CA PRO A 329 23.77 1.04 -4.84
C PRO A 329 23.38 2.04 -5.92
N CYS A 330 23.17 3.30 -5.52
CA CYS A 330 22.77 4.41 -6.42
C CYS A 330 23.80 4.54 -7.53
N PRO A 331 23.40 4.40 -8.82
CA PRO A 331 24.28 4.71 -9.95
C PRO A 331 24.23 6.22 -10.23
N SER A 332 24.91 6.71 -11.27
CA SER A 332 25.07 8.17 -11.53
C SER A 332 23.74 8.78 -12.02
N GLU A 333 23.68 10.12 -12.00
CA GLU A 333 22.52 10.97 -12.41
C GLU A 333 22.01 10.60 -13.82
N ALA A 334 22.92 10.23 -14.74
CA ALA A 334 22.59 9.87 -16.15
C ALA A 334 21.68 8.62 -16.18
N VAL A 335 21.87 7.71 -15.22
CA VAL A 335 21.22 6.37 -15.23
C VAL A 335 19.83 6.49 -14.59
N TRP A 336 19.76 7.17 -13.44
CA TRP A 336 18.55 7.21 -12.59
C TRP A 336 17.50 8.14 -13.25
N LYS A 337 17.93 9.08 -14.09
CA LYS A 337 16.99 9.86 -14.95
C LYS A 337 16.52 8.95 -16.09
N LYS A 338 17.44 8.51 -16.94
CA LYS A 338 17.18 7.71 -18.17
C LYS A 338 16.20 6.56 -17.88
N HIS A 339 16.15 6.03 -16.65
CA HIS A 339 15.32 4.84 -16.31
C HIS A 339 14.19 5.19 -15.33
N CYS A 340 14.12 6.45 -14.90
CA CYS A 340 12.98 7.03 -14.11
C CYS A 340 12.92 6.27 -12.77
N LEU A 341 13.99 6.36 -11.99
CA LEU A 341 14.26 5.55 -10.77
C LEU A 341 14.05 6.39 -9.51
N ALA A 342 13.38 5.80 -8.51
CA ALA A 342 13.45 6.24 -7.09
C ALA A 342 14.84 5.89 -6.53
N THR A 343 15.55 6.91 -6.00
CA THR A 343 16.91 6.82 -5.38
C THR A 343 16.86 7.40 -3.96
N SER A 344 17.70 6.88 -3.04
CA SER A 344 17.65 7.22 -1.59
C SER A 344 18.62 6.36 -0.75
N GLY A 345 19.32 6.99 0.20
CA GLY A 345 20.20 6.34 1.19
C GLY A 345 21.39 5.69 0.51
N GLY A 346 21.85 6.28 -0.60
CA GLY A 346 22.88 5.75 -1.50
C GLY A 346 22.46 4.42 -2.11
N GLN A 347 21.15 4.12 -2.09
CA GLN A 347 20.54 2.94 -2.75
C GLN A 347 19.47 3.41 -3.74
N ALA A 348 19.29 2.65 -4.81
CA ALA A 348 18.17 2.73 -5.76
C ALA A 348 17.56 1.34 -5.83
N HIS A 349 16.41 1.19 -6.47
CA HIS A 349 15.81 -0.15 -6.66
C HIS A 349 15.16 -0.20 -8.02
N LEU A 350 14.73 -1.39 -8.38
CA LEU A 350 13.81 -1.64 -9.49
C LEU A 350 12.76 -2.59 -8.95
N ILE A 351 11.57 -2.60 -9.55
CA ILE A 351 10.42 -3.39 -9.07
C ILE A 351 9.87 -4.16 -10.26
N THR A 352 9.71 -5.47 -10.09
CA THR A 352 9.32 -6.42 -11.16
C THR A 352 7.78 -6.49 -11.19
N THR A 353 7.18 -5.33 -11.45
CA THR A 353 5.73 -5.14 -11.77
C THR A 353 5.32 -6.07 -12.93
N ALA A 354 4.06 -6.49 -12.91
CA ALA A 354 3.52 -7.64 -13.66
C ALA A 354 3.43 -7.34 -15.17
N HIS A 355 3.70 -6.11 -15.59
CA HIS A 355 3.68 -5.69 -17.02
C HIS A 355 5.04 -6.00 -17.65
N HIS A 356 5.99 -6.51 -16.85
CA HIS A 356 7.25 -7.13 -17.35
C HIS A 356 6.94 -8.60 -17.64
N LEU A 357 6.35 -8.85 -18.80
CA LEU A 357 5.96 -10.21 -19.31
C LEU A 357 7.25 -10.99 -19.59
N ASP A 358 8.32 -10.29 -19.98
CA ASP A 358 9.69 -10.81 -20.18
C ASP A 358 10.70 -9.96 -19.38
N ALA A 359 11.97 -10.37 -19.42
CA ALA A 359 13.08 -9.81 -18.61
C ALA A 359 13.85 -8.71 -19.34
N SER A 360 13.40 -8.26 -20.52
CA SER A 360 14.17 -7.39 -21.46
C SER A 360 14.42 -6.00 -20.86
N LYS A 361 13.35 -5.26 -20.49
CA LYS A 361 13.44 -3.87 -19.96
C LYS A 361 14.27 -3.86 -18.67
N VAL A 362 14.12 -4.91 -17.84
CA VAL A 362 14.95 -5.20 -16.63
C VAL A 362 16.41 -5.37 -17.05
N ASP A 363 16.68 -6.32 -17.95
CA ASP A 363 18.03 -6.63 -18.47
C ASP A 363 18.67 -5.33 -19.01
N ALA A 364 17.95 -4.52 -19.78
CA ALA A 364 18.51 -3.26 -20.33
C ALA A 364 18.96 -2.37 -19.18
N LEU A 365 18.22 -2.40 -18.07
CA LEU A 365 18.42 -1.50 -16.90
C LEU A 365 19.70 -1.94 -16.17
N ILE A 366 19.78 -3.23 -15.86
CA ILE A 366 20.98 -3.84 -15.23
C ILE A 366 22.22 -3.47 -16.08
N ASP A 367 22.29 -3.94 -17.34
CA ASP A 367 23.42 -3.65 -18.27
C ASP A 367 23.86 -2.18 -18.11
N ASP A 368 22.94 -1.22 -18.03
CA ASP A 368 23.27 0.24 -17.88
C ASP A 368 23.82 0.54 -16.47
N VAL A 369 23.53 -0.31 -15.47
CA VAL A 369 23.99 -0.19 -14.04
C VAL A 369 25.42 -0.71 -13.96
N ILE A 370 25.67 -1.78 -14.70
CA ILE A 370 27.01 -2.42 -14.85
C ILE A 370 27.93 -1.45 -15.62
N LYS A 371 27.56 -1.07 -16.84
CA LYS A 371 28.34 -0.10 -17.64
C LYS A 371 28.76 1.09 -16.74
N ASP A 372 27.87 1.54 -15.85
CA ASP A 372 28.04 2.76 -14.99
C ASP A 372 28.82 2.43 -13.71
N ALA A 373 29.00 1.15 -13.39
CA ALA A 373 29.82 0.69 -12.24
C ALA A 373 31.27 0.42 -12.70
N ASN A 374 31.75 1.13 -13.73
CA ASN A 374 33.10 0.96 -14.33
C ASN A 374 33.72 2.34 -14.56
N1 IMD B . -19.32 -0.01 6.12
C2 IMD B . -18.09 0.48 6.29
N3 IMD B . -17.33 -0.51 6.69
C4 IMD B . -18.11 -1.63 6.87
C5 IMD B . -19.38 -1.20 6.78
#